data_5JIY
#
_entry.id   5JIY
#
_cell.length_a   56.611
_cell.length_b   78.463
_cell.length_c   73.084
_cell.angle_alpha   90.00
_cell.angle_beta   90.28
_cell.angle_gamma   90.00
#
_symmetry.space_group_name_H-M   'P 1 21 1'
#
loop_
_entity.id
_entity.type
_entity.pdbx_description
1 polymer 'Histone-lysine N-methyltransferase EHMT2'
2 polymer 'Histone H3.1 mutant peptide with H3K9nor-leucine'
3 non-polymer 'ZINC ION'
4 non-polymer S-ADENOSYLMETHIONINE
5 water water
#
loop_
_entity_poly.entity_id
_entity_poly.type
_entity_poly.pdbx_seq_one_letter_code
_entity_poly.pdbx_strand_id
1 'polypeptide(L)'
;IRTEKIICRDVARGYENVPIPCVNGVDGEPCPEDYKYISENCETSTMNIDRNITHLQHCTCVDDCSSSNCLCGQLSIRCW
YDKDGRLLQEFNKIEPPLIFECNQACSCWRNCKNRVVQSGIKVRLQLYRTAKMGWGVRALQTIPQGTFICEYVGELISDA
EADVREDDSYLFDLDNKDGEVYCIDARYYGNISRFINHLCDPNIIPVRVFMLHQDLRFPRIAFFSSRDIRTGEELGFDYG
DRFWDIKSKYFTCQCGSEKCKHSAEAIALEQSRL
;
A,B
2 'polypeptide(L)' TKQTAR(NLE)STGG F,G
#
loop_
_chem_comp.id
_chem_comp.type
_chem_comp.name
_chem_comp.formula
SAM non-polymer S-ADENOSYLMETHIONINE 'C15 H22 N6 O5 S'
ZN non-polymer 'ZINC ION' 'Zn 2'
#
# COMPACT_ATOMS: atom_id res chain seq x y z
N ILE A 1 -6.23 9.40 -44.59
CA ILE A 1 -6.51 8.37 -43.53
C ILE A 1 -5.74 8.78 -42.30
N ARG A 2 -6.46 8.99 -41.23
CA ARG A 2 -5.85 9.44 -39.97
C ARG A 2 -5.03 8.24 -39.38
N THR A 3 -3.81 8.47 -38.92
CA THR A 3 -3.04 7.40 -38.32
C THR A 3 -3.36 7.29 -36.82
N GLU A 4 -3.12 6.12 -36.26
CA GLU A 4 -3.23 5.91 -34.80
C GLU A 4 -1.92 6.39 -34.18
N LYS A 5 -2.02 7.31 -33.25
CA LYS A 5 -0.85 7.84 -32.52
C LYS A 5 -0.80 7.39 -31.08
N ILE A 6 0.38 7.11 -30.59
CA ILE A 6 0.57 6.89 -29.12
C ILE A 6 0.72 8.23 -28.51
N ILE A 7 -0.20 8.56 -27.61
CA ILE A 7 -0.23 9.92 -26.98
C ILE A 7 0.06 9.93 -25.49
N CYS A 8 0.22 8.78 -24.88
CA CYS A 8 0.82 8.66 -23.59
C CYS A 8 1.42 7.27 -23.49
N ARG A 9 2.63 7.17 -23.01
CA ARG A 9 3.24 5.83 -22.81
C ARG A 9 2.65 5.10 -21.62
N ASP A 10 2.15 5.84 -20.62
CA ASP A 10 1.59 5.16 -19.42
C ASP A 10 0.79 6.20 -18.68
N VAL A 11 -0.51 6.07 -18.76
CA VAL A 11 -1.38 6.98 -18.05
C VAL A 11 -1.24 6.84 -16.53
N ALA A 12 -0.73 5.70 -16.06
CA ALA A 12 -0.56 5.45 -14.62
C ALA A 12 0.75 6.02 -14.02
N ARG A 13 1.59 6.59 -14.91
CA ARG A 13 2.90 7.18 -14.48
C ARG A 13 3.72 6.20 -13.63
N GLY A 14 3.72 4.91 -13.99
CA GLY A 14 4.48 3.89 -13.31
C GLY A 14 3.88 3.37 -11.98
N TYR A 15 2.64 3.75 -11.68
CA TYR A 15 2.01 3.27 -10.46
C TYR A 15 1.38 1.88 -10.51
N GLU A 16 1.16 1.35 -11.70
CA GLU A 16 0.63 0.01 -11.80
C GLU A 16 1.77 -0.96 -12.10
N ASN A 17 1.46 -2.26 -12.07
CA ASN A 17 2.48 -3.32 -12.30
C ASN A 17 2.98 -3.30 -13.73
N VAL A 18 2.15 -2.77 -14.61
CA VAL A 18 2.32 -2.72 -16.05
C VAL A 18 1.96 -1.30 -16.56
N PRO A 19 2.52 -0.86 -17.70
CA PRO A 19 2.12 0.41 -18.29
C PRO A 19 0.75 0.31 -18.91
N ILE A 20 0.06 1.44 -18.94
CA ILE A 20 -1.21 1.53 -19.60
C ILE A 20 -1.18 2.67 -20.57
N PRO A 21 -0.77 2.39 -21.83
CA PRO A 21 -0.69 3.41 -22.80
C PRO A 21 -2.03 3.93 -23.32
N CYS A 22 -2.01 5.12 -23.94
CA CYS A 22 -3.10 5.74 -24.58
C CYS A 22 -2.82 5.98 -26.08
N VAL A 23 -3.73 5.59 -26.93
CA VAL A 23 -3.70 5.91 -28.33
C VAL A 23 -4.96 6.59 -28.84
N ASN A 24 -4.85 7.21 -30.04
CA ASN A 24 -5.97 7.75 -30.69
C ASN A 24 -5.78 7.65 -32.20
N GLY A 25 -6.67 6.92 -32.81
CA GLY A 25 -6.70 6.91 -34.29
C GLY A 25 -8.02 7.39 -34.85
N VAL A 26 -8.78 8.17 -34.06
CA VAL A 26 -10.11 8.60 -34.49
C VAL A 26 -10.23 10.11 -34.69
N ASP A 27 -9.64 10.88 -33.79
CA ASP A 27 -9.84 12.37 -33.79
C ASP A 27 -8.59 13.05 -33.22
N GLY A 28 -8.68 14.38 -33.04
CA GLY A 28 -7.53 15.11 -32.58
C GLY A 28 -7.48 15.34 -31.07
N GLU A 29 -8.32 14.60 -30.32
CA GLU A 29 -8.40 14.78 -28.85
C GLU A 29 -7.08 14.32 -28.23
N PRO A 30 -6.35 15.18 -27.46
CA PRO A 30 -5.14 14.73 -26.75
C PRO A 30 -5.44 13.83 -25.52
N CYS A 31 -4.39 13.31 -24.90
CA CYS A 31 -4.51 12.43 -23.81
C CYS A 31 -5.34 13.14 -22.77
N PRO A 32 -6.36 12.48 -22.24
CA PRO A 32 -7.14 13.10 -21.16
C PRO A 32 -6.33 13.43 -19.89
N GLU A 33 -6.47 14.68 -19.38
CA GLU A 33 -5.65 15.17 -18.29
C GLU A 33 -6.50 15.95 -17.26
N ASP A 34 -7.81 15.89 -17.40
CA ASP A 34 -8.73 16.65 -16.53
C ASP A 34 -9.05 15.83 -15.27
N TYR A 35 -8.15 14.97 -14.83
CA TYR A 35 -8.30 14.20 -13.61
C TYR A 35 -6.91 13.85 -13.11
N LYS A 36 -6.85 13.32 -11.90
CA LYS A 36 -5.65 12.88 -11.29
C LYS A 36 -5.62 11.35 -11.24
N TYR A 37 -4.67 10.69 -11.93
CA TYR A 37 -4.56 9.26 -11.84
C TYR A 37 -4.01 8.84 -10.51
N ILE A 38 -4.74 7.98 -9.80
CA ILE A 38 -4.37 7.35 -8.57
C ILE A 38 -4.60 5.83 -8.70
N SER A 39 -3.72 5.04 -8.13
CA SER A 39 -3.82 3.64 -8.21
C SER A 39 -4.62 3.00 -7.08
N GLU A 40 -4.83 3.72 -5.97
CA GLU A 40 -5.59 3.28 -4.79
C GLU A 40 -6.57 4.35 -4.40
N ASN A 41 -7.71 3.96 -3.86
CA ASN A 41 -8.72 4.94 -3.45
C ASN A 41 -8.16 6.02 -2.56
N CYS A 42 -8.73 7.20 -2.70
CA CYS A 42 -8.30 8.36 -1.87
C CYS A 42 -9.49 8.88 -1.07
N GLU A 43 -9.16 9.68 -0.03
CA GLU A 43 -10.13 10.35 0.82
C GLU A 43 -9.89 11.84 0.69
N THR A 44 -10.97 12.64 0.71
CA THR A 44 -10.92 14.08 0.73
C THR A 44 -11.70 14.64 1.91
N SER A 45 -12.15 13.76 2.75
CA SER A 45 -12.68 14.14 4.09
C SER A 45 -12.49 12.90 4.97
N THR A 46 -12.81 12.99 6.25
CA THR A 46 -12.52 11.93 7.19
C THR A 46 -13.58 10.83 7.10
N MET A 47 -13.16 9.65 6.70
CA MET A 47 -14.06 8.51 6.54
C MET A 47 -14.06 7.56 7.78
N ASN A 48 -13.06 7.65 8.63
CA ASN A 48 -12.92 6.75 9.80
C ASN A 48 -13.16 5.28 9.49
N ILE A 49 -12.48 4.81 8.44
CA ILE A 49 -12.47 3.43 8.09
C ILE A 49 -11.80 2.65 9.24
N ASP A 50 -12.43 1.56 9.61
CA ASP A 50 -11.91 0.73 10.68
C ASP A 50 -10.68 -0.03 10.20
N ARG A 51 -9.52 0.41 10.70
CA ARG A 51 -8.21 -0.16 10.34
C ARG A 51 -7.56 -0.87 11.56
N ASN A 52 -8.35 -1.22 12.56
CA ASN A 52 -7.79 -1.86 13.74
C ASN A 52 -7.47 -3.30 13.39
N ILE A 53 -6.17 -3.68 13.38
CA ILE A 53 -5.73 -5.00 12.99
C ILE A 53 -6.42 -6.12 13.81
N THR A 54 -6.79 -5.84 15.06
CA THR A 54 -7.41 -6.85 15.89
C THR A 54 -8.86 -7.10 15.50
N HIS A 55 -9.44 -6.25 14.66
CA HIS A 55 -10.85 -6.47 14.16
C HIS A 55 -10.92 -7.39 12.96
N LEU A 56 -9.78 -7.70 12.36
CA LEU A 56 -9.74 -8.55 11.13
C LEU A 56 -10.07 -9.94 11.48
N GLN A 57 -11.06 -10.48 10.79
CA GLN A 57 -11.18 -11.93 10.68
C GLN A 57 -10.02 -12.44 9.79
N HIS A 58 -9.40 -13.51 10.22
CA HIS A 58 -8.22 -14.02 9.58
C HIS A 58 -8.12 -15.53 9.78
N CYS A 59 -7.24 -16.12 9.00
CA CYS A 59 -7.13 -17.60 8.91
C CYS A 59 -5.88 -18.04 9.69
N THR A 60 -5.83 -19.34 9.97
CA THR A 60 -4.78 -19.97 10.71
C THR A 60 -3.99 -20.90 9.78
N CYS A 61 -4.20 -20.78 8.45
CA CYS A 61 -3.52 -21.64 7.47
C CYS A 61 -2.02 -21.54 7.54
N VAL A 62 -1.42 -22.74 7.47
CA VAL A 62 0.04 -22.88 7.34
C VAL A 62 0.32 -23.60 6.01
N ASP A 63 -0.70 -23.53 5.16
CA ASP A 63 -0.86 -24.02 3.81
C ASP A 63 -0.64 -22.88 2.87
N ASP A 64 -0.98 -23.09 1.59
CA ASP A 64 -1.17 -21.95 0.63
C ASP A 64 -2.64 -21.42 0.55
N CYS A 65 -3.46 -21.73 1.57
CA CYS A 65 -4.83 -21.33 1.65
C CYS A 65 -5.64 -21.95 0.53
N SER A 66 -5.33 -23.20 0.16
CA SER A 66 -6.25 -23.88 -0.81
C SER A 66 -7.20 -24.91 -0.18
N SER A 67 -7.17 -25.07 1.14
CA SER A 67 -8.01 -26.04 1.77
C SER A 67 -9.33 -25.44 2.20
N SER A 68 -10.29 -26.32 2.53
CA SER A 68 -11.60 -25.87 2.89
C SER A 68 -11.64 -25.36 4.33
N ASN A 69 -10.48 -25.39 4.97
CA ASN A 69 -10.34 -24.90 6.34
C ASN A 69 -9.90 -23.45 6.47
N CYS A 70 -9.66 -22.79 5.34
CA CYS A 70 -9.32 -21.37 5.37
C CYS A 70 -10.52 -20.52 5.74
N LEU A 71 -10.45 -19.87 6.90
CA LEU A 71 -11.57 -19.09 7.43
C LEU A 71 -11.88 -18.04 6.39
N CYS A 72 -10.83 -17.45 5.79
CA CYS A 72 -11.07 -16.32 4.80
C CYS A 72 -11.88 -16.78 3.60
N GLY A 73 -11.58 -17.98 3.07
CA GLY A 73 -12.42 -18.65 2.05
C GLY A 73 -13.83 -18.87 2.55
N GLN A 74 -13.97 -19.37 3.78
CA GLN A 74 -15.33 -19.61 4.40
C GLN A 74 -16.17 -18.39 4.52
N LEU A 75 -15.57 -17.20 4.66
CA LEU A 75 -16.40 -15.98 4.75
C LEU A 75 -17.12 -15.64 3.46
N SER A 76 -16.71 -16.28 2.34
CA SER A 76 -17.52 -16.31 1.09
C SER A 76 -18.06 -17.68 0.68
N ILE A 77 -18.42 -18.49 1.68
CA ILE A 77 -18.73 -19.95 1.58
C ILE A 77 -17.47 -20.72 1.23
N ARG A 78 -16.84 -20.36 0.11
CA ARG A 78 -15.53 -20.93 -0.22
C ARG A 78 -14.69 -19.87 -0.95
N CYS A 79 -13.39 -20.12 -1.06
CA CYS A 79 -12.50 -19.36 -1.91
C CYS A 79 -12.86 -19.62 -3.33
N TRP A 80 -13.03 -18.55 -4.08
CA TRP A 80 -13.52 -18.64 -5.47
C TRP A 80 -12.41 -18.56 -6.51
N TYR A 81 -11.14 -18.51 -6.09
CA TYR A 81 -10.07 -18.45 -7.01
C TYR A 81 -9.48 -19.86 -7.19
N ASP A 82 -9.19 -20.17 -8.45
CA ASP A 82 -8.50 -21.42 -8.83
C ASP A 82 -7.00 -21.28 -8.63
N LYS A 83 -6.23 -22.31 -8.94
CA LYS A 83 -4.78 -22.23 -8.80
C LYS A 83 -4.02 -21.11 -9.55
N ASP A 84 -4.64 -20.55 -10.59
CA ASP A 84 -4.07 -19.51 -11.46
C ASP A 84 -4.66 -18.13 -11.15
N GLY A 85 -5.49 -18.04 -10.12
CA GLY A 85 -6.02 -16.73 -9.68
C GLY A 85 -7.32 -16.34 -10.34
N ARG A 86 -8.01 -17.31 -10.98
CA ARG A 86 -9.24 -17.03 -11.72
C ARG A 86 -10.46 -17.48 -11.00
N LEU A 87 -11.54 -16.73 -11.13
CA LEU A 87 -12.81 -17.21 -10.56
C LEU A 87 -13.18 -18.57 -11.10
N LEU A 88 -13.79 -19.37 -10.24
CA LEU A 88 -14.19 -20.74 -10.66
C LEU A 88 -15.34 -20.57 -11.65
N GLN A 89 -15.47 -21.49 -12.60
CA GLN A 89 -16.60 -21.49 -13.53
C GLN A 89 -17.99 -21.41 -12.84
N GLU A 90 -18.13 -22.01 -11.66
CA GLU A 90 -19.38 -21.98 -10.87
C GLU A 90 -19.64 -20.65 -10.13
N PHE A 91 -18.71 -19.69 -10.23
CA PHE A 91 -18.92 -18.40 -9.59
C PHE A 91 -20.27 -17.81 -9.99
N ASN A 92 -21.01 -17.31 -8.99
CA ASN A 92 -22.23 -16.66 -9.29
C ASN A 92 -21.98 -15.31 -9.93
N LYS A 93 -22.10 -15.23 -11.25
CA LYS A 93 -21.87 -14.01 -12.00
C LYS A 93 -23.04 -13.06 -12.03
N ILE A 94 -24.19 -13.50 -11.53
CA ILE A 94 -25.40 -12.69 -11.48
C ILE A 94 -25.42 -11.87 -10.18
N GLU A 95 -25.40 -12.55 -9.02
CA GLU A 95 -25.31 -11.94 -7.69
C GLU A 95 -24.03 -12.44 -7.04
N PRO A 96 -22.91 -11.76 -7.33
CA PRO A 96 -21.67 -12.21 -6.76
C PRO A 96 -21.63 -12.14 -5.25
N PRO A 97 -20.94 -13.06 -4.62
CA PRO A 97 -20.70 -12.94 -3.20
C PRO A 97 -19.62 -11.88 -2.90
N LEU A 98 -19.53 -11.53 -1.63
CA LEU A 98 -18.48 -10.67 -1.15
C LEU A 98 -17.25 -11.53 -0.91
N ILE A 99 -16.11 -11.14 -1.48
CA ILE A 99 -14.85 -11.85 -1.35
C ILE A 99 -14.02 -11.24 -0.22
N PHE A 100 -13.52 -12.10 0.72
CA PHE A 100 -12.57 -11.72 1.75
C PHE A 100 -11.26 -12.37 1.40
N GLU A 101 -10.31 -11.54 0.94
CA GLU A 101 -8.96 -11.97 0.69
C GLU A 101 -8.18 -12.03 2.02
N CYS A 102 -7.09 -12.77 1.99
CA CYS A 102 -6.24 -12.81 3.17
C CYS A 102 -5.57 -11.47 3.40
N ASN A 103 -5.13 -11.26 4.64
CA ASN A 103 -4.67 -9.97 5.11
C ASN A 103 -3.46 -10.12 6.05
N GLN A 104 -3.07 -9.01 6.64
CA GLN A 104 -1.84 -8.95 7.48
C GLN A 104 -2.03 -9.70 8.76
N ALA A 105 -3.25 -10.06 9.17
CA ALA A 105 -3.45 -10.85 10.38
C ALA A 105 -3.43 -12.35 10.12
N CYS A 106 -3.53 -12.77 8.89
CA CYS A 106 -3.52 -14.22 8.60
C CYS A 106 -2.12 -14.78 8.85
N SER A 107 -2.03 -16.07 9.10
CA SER A 107 -0.74 -16.74 9.35
C SER A 107 -0.03 -17.13 8.06
N CYS A 108 -0.75 -17.05 6.96
CA CYS A 108 -0.18 -17.46 5.70
C CYS A 108 0.79 -16.46 5.09
N TRP A 109 1.41 -16.86 4.01
CA TRP A 109 2.32 -16.08 3.24
C TRP A 109 1.66 -15.13 2.26
N ARG A 110 2.36 -14.04 1.93
CA ARG A 110 1.90 -13.03 0.96
C ARG A 110 1.52 -13.61 -0.40
N ASN A 111 2.09 -14.74 -0.80
CA ASN A 111 1.70 -15.30 -2.11
C ASN A 111 0.76 -16.51 -2.01
N CYS A 112 -0.08 -16.58 -0.99
CA CYS A 112 -1.11 -17.61 -0.86
C CYS A 112 -2.15 -17.41 -1.95
N LYS A 113 -3.04 -18.39 -2.05
CA LYS A 113 -4.00 -18.43 -3.19
C LYS A 113 -5.17 -17.49 -3.09
N ASN A 114 -5.25 -16.78 -1.97
CA ASN A 114 -6.38 -15.95 -1.67
C ASN A 114 -5.94 -14.47 -1.62
N ARG A 115 -5.14 -14.03 -2.59
CA ARG A 115 -4.62 -12.64 -2.67
C ARG A 115 -4.61 -11.99 -4.08
N VAL A 116 -5.59 -12.30 -4.87
CA VAL A 116 -5.59 -11.92 -6.28
C VAL A 116 -5.71 -10.41 -6.51
N VAL A 117 -6.75 -9.82 -5.96
CA VAL A 117 -6.99 -8.37 -6.19
C VAL A 117 -5.91 -7.53 -5.56
N GLN A 118 -5.40 -7.95 -4.41
CA GLN A 118 -4.42 -7.14 -3.73
C GLN A 118 -3.12 -7.14 -4.45
N SER A 119 -2.92 -8.07 -5.39
CA SER A 119 -1.68 -8.17 -6.21
C SER A 119 -1.67 -7.26 -7.45
N GLY A 120 -2.80 -6.64 -7.75
CA GLY A 120 -2.85 -5.65 -8.80
C GLY A 120 -2.99 -6.13 -10.23
N ILE A 121 -2.85 -5.20 -11.14
CA ILE A 121 -3.14 -5.39 -12.58
C ILE A 121 -2.06 -6.26 -13.16
N LYS A 122 -2.49 -7.30 -13.85
CA LYS A 122 -1.56 -8.17 -14.62
C LYS A 122 -1.85 -8.21 -16.11
N VAL A 123 -3.09 -8.00 -16.55
CA VAL A 123 -3.39 -8.03 -17.95
C VAL A 123 -2.96 -6.73 -18.62
N ARG A 124 -2.65 -6.82 -19.92
CA ARG A 124 -2.30 -5.67 -20.70
C ARG A 124 -3.50 -5.02 -21.31
N LEU A 125 -3.71 -3.76 -20.94
CA LEU A 125 -4.83 -2.91 -21.37
C LEU A 125 -4.32 -1.69 -22.10
N GLN A 126 -5.22 -1.03 -22.80
CA GLN A 126 -4.94 0.18 -23.50
C GLN A 126 -6.13 1.14 -23.41
N LEU A 127 -5.85 2.39 -23.10
CA LEU A 127 -6.78 3.49 -23.26
C LEU A 127 -6.83 3.94 -24.71
N TYR A 128 -8.00 3.96 -25.33
CA TYR A 128 -8.05 4.32 -26.75
C TYR A 128 -9.29 5.15 -27.07
N ARG A 129 -9.24 5.86 -28.21
CA ARG A 129 -10.34 6.64 -28.62
C ARG A 129 -11.38 5.83 -29.38
N THR A 130 -12.62 5.75 -28.87
CA THR A 130 -13.70 5.05 -29.55
C THR A 130 -14.39 5.95 -30.58
N ALA A 131 -15.18 5.32 -31.47
CA ALA A 131 -15.90 6.04 -32.44
C ALA A 131 -17.01 6.95 -31.89
N LYS A 132 -17.74 6.47 -30.89
CA LYS A 132 -18.96 7.11 -30.42
C LYS A 132 -19.08 7.26 -28.90
N MET A 133 -18.13 6.70 -28.16
CA MET A 133 -18.25 6.64 -26.69
C MET A 133 -17.05 7.27 -25.98
N GLY A 134 -16.43 8.27 -26.61
CA GLY A 134 -15.32 8.95 -25.99
C GLY A 134 -14.15 8.01 -25.86
N TRP A 135 -13.43 8.12 -24.74
CA TRP A 135 -12.38 7.17 -24.43
C TRP A 135 -12.96 5.85 -23.96
N GLY A 136 -12.28 4.73 -24.25
CA GLY A 136 -12.61 3.43 -23.75
C GLY A 136 -11.31 2.66 -23.43
N VAL A 137 -11.48 1.46 -22.91
CA VAL A 137 -10.38 0.59 -22.55
C VAL A 137 -10.53 -0.72 -23.30
N ARG A 138 -9.45 -1.19 -23.90
CA ARG A 138 -9.49 -2.50 -24.59
C ARG A 138 -8.33 -3.37 -24.13
N ALA A 139 -8.51 -4.65 -24.37
CA ALA A 139 -7.51 -5.70 -24.10
C ALA A 139 -6.43 -5.73 -25.19
N LEU A 140 -5.20 -5.88 -24.77
CA LEU A 140 -4.08 -6.06 -25.74
C LEU A 140 -3.67 -7.51 -25.82
N GLN A 141 -4.48 -8.39 -25.29
CA GLN A 141 -4.18 -9.82 -25.20
C GLN A 141 -5.46 -10.59 -25.00
N THR A 142 -5.47 -11.94 -25.14
CA THR A 142 -6.60 -12.73 -24.72
C THR A 142 -6.66 -12.78 -23.25
N ILE A 143 -7.90 -12.72 -22.71
CA ILE A 143 -8.13 -12.83 -21.27
C ILE A 143 -9.12 -13.96 -20.98
N PRO A 144 -8.69 -15.02 -20.27
CA PRO A 144 -9.67 -16.07 -19.95
C PRO A 144 -10.75 -15.61 -19.03
N GLN A 145 -11.90 -16.28 -19.05
CA GLN A 145 -12.95 -16.02 -18.12
C GLN A 145 -12.44 -16.09 -16.71
N GLY A 146 -12.92 -15.15 -15.87
CA GLY A 146 -12.65 -15.21 -14.43
C GLY A 146 -11.43 -14.47 -14.01
N THR A 147 -10.79 -13.75 -14.92
CA THR A 147 -9.50 -13.12 -14.64
C THR A 147 -9.74 -11.74 -14.05
N PHE A 148 -8.98 -11.43 -13.01
CA PHE A 148 -9.01 -10.06 -12.48
C PHE A 148 -8.44 -9.08 -13.47
N ILE A 149 -9.17 -7.99 -13.72
CA ILE A 149 -8.78 -7.00 -14.69
C ILE A 149 -8.20 -5.75 -14.02
N CYS A 150 -9.06 -5.10 -13.23
CA CYS A 150 -8.65 -3.85 -12.51
C CYS A 150 -9.72 -3.55 -11.48
N GLU A 151 -9.42 -2.57 -10.61
CA GLU A 151 -10.32 -2.13 -9.56
C GLU A 151 -10.93 -0.79 -9.97
N TYR A 152 -12.17 -0.54 -9.52
CA TYR A 152 -12.78 0.80 -9.71
C TYR A 152 -12.23 1.68 -8.63
N VAL A 153 -11.25 2.52 -8.93
CA VAL A 153 -10.56 3.36 -7.95
C VAL A 153 -10.93 4.84 -8.09
N GLY A 154 -11.20 5.51 -6.93
CA GLY A 154 -11.42 6.89 -6.98
C GLY A 154 -11.54 7.53 -5.59
N GLU A 155 -12.34 8.59 -5.53
CA GLU A 155 -12.50 9.36 -4.30
C GLU A 155 -13.68 8.88 -3.48
N LEU A 156 -13.42 8.50 -2.22
CA LEU A 156 -14.53 7.96 -1.40
C LEU A 156 -15.33 9.17 -0.87
N ILE A 157 -16.64 9.08 -1.10
CA ILE A 157 -17.53 10.18 -0.70
C ILE A 157 -18.77 9.56 -0.12
N SER A 158 -19.44 10.39 0.71
CA SER A 158 -20.77 9.90 1.17
C SER A 158 -21.88 9.98 0.12
N ASP A 159 -22.94 9.21 0.36
CA ASP A 159 -24.15 9.25 -0.45
C ASP A 159 -24.65 10.71 -0.60
N ALA A 160 -24.71 11.47 0.51
CA ALA A 160 -25.17 12.86 0.44
C ALA A 160 -24.27 13.77 -0.39
N GLU A 161 -22.95 13.55 -0.34
CA GLU A 161 -22.04 14.31 -1.16
C GLU A 161 -22.23 13.89 -2.65
N ALA A 162 -22.40 12.57 -2.90
CA ALA A 162 -22.64 12.11 -4.28
C ALA A 162 -23.87 12.76 -4.88
N ASP A 163 -24.88 12.98 -4.03
CA ASP A 163 -26.11 13.61 -4.52
C ASP A 163 -26.01 15.03 -5.02
N VAL A 164 -24.97 15.77 -4.68
CA VAL A 164 -24.79 17.11 -5.16
C VAL A 164 -23.55 17.31 -6.01
N ARG A 165 -22.91 16.22 -6.44
CA ARG A 165 -21.81 16.34 -7.36
C ARG A 165 -22.34 16.82 -8.71
N GLU A 166 -21.71 17.84 -9.27
CA GLU A 166 -22.13 18.41 -10.55
C GLU A 166 -21.98 17.37 -11.69
N ASP A 167 -20.82 16.72 -11.74
CA ASP A 167 -20.56 15.67 -12.76
C ASP A 167 -20.91 14.32 -12.20
N ASP A 168 -21.92 13.68 -12.77
CA ASP A 168 -22.32 12.37 -12.38
C ASP A 168 -22.06 11.25 -13.37
N SER A 169 -20.94 11.33 -14.06
CA SER A 169 -20.60 10.31 -15.07
C SER A 169 -19.64 9.26 -14.48
N TYR A 170 -19.17 9.40 -13.24
CA TYR A 170 -18.11 8.50 -12.69
C TYR A 170 -18.41 8.05 -11.27
N LEU A 171 -19.68 8.06 -10.87
CA LEU A 171 -20.08 7.69 -9.51
C LEU A 171 -20.48 6.23 -9.45
N PHE A 172 -19.83 5.49 -8.56
CA PHE A 172 -20.11 4.10 -8.30
C PHE A 172 -20.61 3.90 -6.85
N ASP A 173 -21.83 3.49 -6.68
CA ASP A 173 -22.36 3.19 -5.34
C ASP A 173 -21.78 1.92 -4.79
N LEU A 174 -21.30 2.01 -3.57
CA LEU A 174 -20.74 0.83 -2.90
C LEU A 174 -21.82 -0.08 -2.29
N ASP A 175 -23.02 0.46 -2.14
CA ASP A 175 -24.09 -0.28 -1.51
C ASP A 175 -25.36 0.32 -2.06
N ASN A 176 -26.28 -0.60 -2.37
CA ASN A 176 -27.58 -0.23 -2.95
C ASN A 176 -28.67 0.06 -1.93
N LYS A 177 -28.37 -0.18 -0.64
CA LYS A 177 -29.35 0.12 0.44
C LYS A 177 -29.39 1.58 0.89
N ASP A 178 -30.40 1.84 1.73
CA ASP A 178 -30.61 3.11 2.47
C ASP A 178 -29.56 3.40 3.53
N GLY A 179 -29.54 4.66 3.97
CA GLY A 179 -28.82 5.06 5.18
C GLY A 179 -27.35 5.35 4.91
N GLU A 180 -26.47 4.82 5.74
CA GLU A 180 -25.06 5.25 5.79
C GLU A 180 -24.25 4.47 4.79
N VAL A 181 -24.30 4.98 3.56
CA VAL A 181 -23.76 4.31 2.37
C VAL A 181 -22.83 5.29 1.70
N TYR A 182 -21.88 4.66 0.95
CA TYR A 182 -20.79 5.45 0.33
C TYR A 182 -20.62 5.15 -1.15
N CYS A 183 -19.84 6.02 -1.77
N CYS A 183 -19.89 6.04 -1.79
CA CYS A 183 -19.71 6.05 -3.24
CA CYS A 183 -19.69 5.98 -3.25
C CYS A 183 -18.26 6.33 -3.63
C CYS A 183 -18.24 6.18 -3.55
N ILE A 184 -17.83 5.74 -4.75
CA ILE A 184 -16.50 6.12 -5.32
C ILE A 184 -16.83 7.08 -6.47
N ASP A 185 -16.32 8.29 -6.40
CA ASP A 185 -16.37 9.21 -7.51
C ASP A 185 -14.99 9.21 -8.20
N ALA A 186 -14.96 8.75 -9.46
CA ALA A 186 -13.73 8.78 -10.21
C ALA A 186 -13.61 9.97 -11.14
N ARG A 187 -14.39 11.04 -10.92
CA ARG A 187 -14.28 12.18 -11.75
C ARG A 187 -13.03 12.96 -11.62
N TYR A 188 -12.60 13.26 -10.40
CA TYR A 188 -11.43 14.07 -10.16
C TYR A 188 -10.21 13.28 -9.92
N TYR A 189 -10.37 12.09 -9.33
CA TYR A 189 -9.31 11.17 -8.94
C TYR A 189 -9.82 9.81 -9.36
N GLY A 190 -9.01 9.09 -10.16
CA GLY A 190 -9.42 7.81 -10.59
C GLY A 190 -8.28 7.02 -11.21
N ASN A 191 -8.53 5.77 -11.48
CA ASN A 191 -7.55 4.93 -12.20
C ASN A 191 -8.10 4.62 -13.63
N ILE A 192 -7.48 3.60 -14.27
CA ILE A 192 -7.95 3.21 -15.62
C ILE A 192 -9.41 2.89 -15.74
N SER A 193 -10.01 2.38 -14.66
N SER A 193 -10.02 2.40 -14.68
CA SER A 193 -11.42 1.96 -14.65
CA SER A 193 -11.41 1.96 -14.75
C SER A 193 -12.37 3.12 -14.94
C SER A 193 -12.39 3.14 -14.98
N ARG A 194 -11.95 4.35 -14.68
CA ARG A 194 -12.79 5.51 -14.95
C ARG A 194 -13.15 5.63 -16.44
N PHE A 195 -12.37 4.95 -17.27
CA PHE A 195 -12.55 4.99 -18.76
C PHE A 195 -13.29 3.82 -19.33
N ILE A 196 -13.71 2.93 -18.50
CA ILE A 196 -14.47 1.74 -18.94
C ILE A 196 -15.91 2.13 -19.23
N ASN A 197 -16.34 1.87 -20.49
CA ASN A 197 -17.67 2.16 -20.96
C ASN A 197 -18.73 1.11 -20.53
N HIS A 198 -19.98 1.54 -20.63
CA HIS A 198 -21.12 0.66 -20.46
C HIS A 198 -21.37 -0.13 -21.73
N LEU A 199 -21.56 -1.43 -21.54
CA LEU A 199 -21.97 -2.30 -22.64
C LEU A 199 -23.22 -3.07 -22.24
N CYS A 200 -24.23 -3.11 -23.14
CA CYS A 200 -25.45 -3.93 -22.88
C CYS A 200 -25.20 -5.43 -23.02
N ASP A 201 -24.10 -5.77 -23.70
CA ASP A 201 -23.55 -7.13 -23.77
C ASP A 201 -22.13 -7.10 -23.09
N PRO A 202 -22.13 -7.03 -21.75
CA PRO A 202 -20.84 -6.80 -20.99
C PRO A 202 -19.91 -8.01 -21.00
N ASN A 203 -18.62 -7.75 -20.81
CA ASN A 203 -17.63 -8.82 -20.69
C ASN A 203 -16.82 -8.78 -19.39
N ILE A 204 -17.17 -7.84 -18.50
CA ILE A 204 -16.60 -7.83 -17.13
C ILE A 204 -17.70 -7.56 -16.11
N ILE A 205 -17.49 -8.04 -14.86
CA ILE A 205 -18.41 -7.86 -13.78
C ILE A 205 -17.72 -7.33 -12.54
N PRO A 206 -18.38 -6.37 -11.83
CA PRO A 206 -17.84 -5.85 -10.57
C PRO A 206 -18.13 -6.83 -9.41
N VAL A 207 -17.20 -6.97 -8.47
CA VAL A 207 -17.30 -7.85 -7.34
C VAL A 207 -16.77 -7.05 -6.13
N ARG A 208 -17.51 -7.13 -5.01
CA ARG A 208 -17.04 -6.47 -3.79
C ARG A 208 -16.01 -7.29 -3.06
N VAL A 209 -14.90 -6.64 -2.69
CA VAL A 209 -13.76 -7.38 -2.10
C VAL A 209 -13.21 -6.61 -0.89
N PHE A 210 -12.74 -7.37 0.08
CA PHE A 210 -12.07 -6.91 1.29
C PHE A 210 -10.65 -7.46 1.38
N MET A 211 -9.69 -6.59 1.65
CA MET A 211 -8.29 -6.93 1.69
C MET A 211 -7.71 -6.45 3.01
N LEU A 212 -7.16 -5.23 3.07
CA LEU A 212 -6.42 -4.80 4.24
C LEU A 212 -7.28 -4.41 5.44
N HIS A 213 -8.53 -4.11 5.18
CA HIS A 213 -9.54 -3.79 6.21
C HIS A 213 -10.78 -4.61 5.88
N GLN A 214 -11.67 -4.70 6.85
CA GLN A 214 -12.94 -5.34 6.61
C GLN A 214 -14.10 -4.43 7.07
N ASP A 215 -13.96 -3.13 6.86
CA ASP A 215 -15.04 -2.17 7.13
C ASP A 215 -16.06 -2.31 6.04
N LEU A 216 -17.23 -2.86 6.41
CA LEU A 216 -18.26 -3.20 5.42
C LEU A 216 -18.86 -2.03 4.65
N ARG A 217 -18.62 -0.80 5.13
CA ARG A 217 -19.06 0.38 4.46
C ARG A 217 -18.26 0.63 3.16
N PHE A 218 -17.09 0.03 3.10
CA PHE A 218 -16.08 0.35 2.13
C PHE A 218 -15.52 -0.87 1.40
N PRO A 219 -16.38 -1.64 0.73
CA PRO A 219 -15.88 -2.69 -0.15
C PRO A 219 -15.11 -2.01 -1.27
N ARG A 220 -14.15 -2.74 -1.81
CA ARG A 220 -13.42 -2.32 -2.99
C ARG A 220 -14.01 -3.04 -4.17
N ILE A 221 -14.08 -2.37 -5.31
CA ILE A 221 -14.84 -2.88 -6.44
C ILE A 221 -13.83 -3.46 -7.47
N ALA A 222 -13.84 -4.77 -7.64
CA ALA A 222 -12.90 -5.46 -8.51
C ALA A 222 -13.61 -5.92 -9.75
N PHE A 223 -13.09 -5.68 -10.95
CA PHE A 223 -13.66 -6.17 -12.14
C PHE A 223 -12.99 -7.45 -12.56
N PHE A 224 -13.79 -8.49 -12.84
CA PHE A 224 -13.30 -9.76 -13.36
C PHE A 224 -13.96 -9.99 -14.73
N SER A 225 -13.22 -10.64 -15.66
CA SER A 225 -13.88 -11.04 -16.94
C SER A 225 -15.04 -12.07 -16.67
N SER A 226 -16.15 -11.89 -17.37
CA SER A 226 -17.27 -12.80 -17.24
C SER A 226 -17.31 -13.84 -18.37
N ARG A 227 -16.40 -13.71 -19.28
CA ARG A 227 -16.24 -14.67 -20.38
C ARG A 227 -14.85 -14.54 -20.89
N ASP A 228 -14.44 -15.42 -21.80
CA ASP A 228 -13.20 -15.25 -22.47
C ASP A 228 -13.30 -14.01 -23.34
N ILE A 229 -12.25 -13.19 -23.28
CA ILE A 229 -12.14 -11.88 -23.96
C ILE A 229 -11.05 -12.01 -25.03
N ARG A 230 -11.38 -11.60 -26.23
CA ARG A 230 -10.45 -11.66 -27.36
C ARG A 230 -9.57 -10.43 -27.41
N THR A 231 -8.36 -10.57 -28.00
CA THR A 231 -7.45 -9.43 -28.16
C THR A 231 -8.15 -8.35 -28.91
N GLY A 232 -7.98 -7.11 -28.45
CA GLY A 232 -8.60 -5.99 -29.11
C GLY A 232 -9.98 -5.60 -28.65
N GLU A 233 -10.65 -6.49 -27.92
CA GLU A 233 -12.03 -6.23 -27.53
C GLU A 233 -12.07 -5.07 -26.51
N GLU A 234 -13.05 -4.22 -26.68
CA GLU A 234 -13.37 -3.20 -25.67
C GLU A 234 -13.93 -3.86 -24.42
N LEU A 235 -13.46 -3.44 -23.26
CA LEU A 235 -13.98 -3.88 -21.97
C LEU A 235 -15.20 -3.09 -21.61
N GLY A 236 -16.19 -3.73 -21.01
CA GLY A 236 -17.38 -3.00 -20.56
C GLY A 236 -18.20 -3.77 -19.60
N PHE A 237 -18.85 -3.04 -18.70
CA PHE A 237 -19.76 -3.61 -17.71
C PHE A 237 -21.13 -2.97 -17.88
N ASP A 238 -22.11 -3.61 -17.22
CA ASP A 238 -23.48 -3.01 -17.14
C ASP A 238 -23.52 -2.02 -16.00
N TYR A 239 -23.56 -0.78 -16.35
CA TYR A 239 -23.66 0.32 -15.38
C TYR A 239 -24.86 0.18 -14.46
N GLY A 240 -25.92 -0.38 -15.02
CA GLY A 240 -27.17 -0.57 -14.26
C GLY A 240 -28.20 0.54 -14.46
N ASP A 241 -29.45 0.26 -14.05
CA ASP A 241 -30.53 1.25 -14.20
C ASP A 241 -30.44 2.49 -13.33
N ARG A 242 -29.70 2.40 -12.21
CA ARG A 242 -29.53 3.62 -11.38
C ARG A 242 -28.64 4.65 -12.02
N PHE A 243 -28.00 4.23 -13.13
CA PHE A 243 -27.29 5.14 -13.98
C PHE A 243 -28.22 5.63 -15.12
N TRP A 244 -28.74 4.70 -15.89
CA TRP A 244 -29.43 5.04 -17.13
C TRP A 244 -30.79 5.74 -16.93
N ASP A 245 -31.41 5.50 -15.81
CA ASP A 245 -32.66 6.21 -15.47
C ASP A 245 -32.48 7.71 -15.36
N ILE A 246 -31.32 8.18 -14.93
CA ILE A 246 -31.00 9.57 -14.90
C ILE A 246 -30.35 9.99 -16.21
N LYS A 247 -29.40 9.21 -16.74
CA LYS A 247 -28.61 9.71 -17.85
C LYS A 247 -29.30 9.69 -19.19
N SER A 248 -30.29 8.82 -19.35
CA SER A 248 -30.92 8.68 -20.66
C SER A 248 -31.58 9.96 -21.20
N LYS A 249 -31.87 10.94 -20.33
CA LYS A 249 -32.34 12.25 -20.79
C LYS A 249 -31.24 13.11 -21.40
N TYR A 250 -29.99 12.71 -21.24
CA TYR A 250 -28.89 13.53 -21.67
C TYR A 250 -28.23 12.90 -22.89
N PHE A 251 -28.21 11.57 -22.92
CA PHE A 251 -27.63 10.80 -24.01
C PHE A 251 -28.16 9.39 -23.96
N THR A 252 -28.03 8.69 -25.10
CA THR A 252 -28.42 7.33 -25.23
C THR A 252 -27.24 6.39 -25.50
N CYS A 253 -27.49 5.13 -25.32
CA CYS A 253 -26.45 4.08 -25.41
C CYS A 253 -26.02 3.91 -26.83
N GLN A 254 -24.73 3.89 -27.05
CA GLN A 254 -24.14 3.68 -28.40
C GLN A 254 -23.40 2.38 -28.53
N CYS A 255 -23.68 1.46 -27.62
CA CYS A 255 -22.90 0.22 -27.60
C CYS A 255 -23.04 -0.57 -28.88
N GLY A 256 -24.20 -0.41 -29.54
CA GLY A 256 -24.41 -1.05 -30.84
C GLY A 256 -24.71 -2.54 -30.87
N SER A 257 -24.99 -3.15 -29.73
CA SER A 257 -25.35 -4.57 -29.63
C SER A 257 -26.81 -4.78 -30.11
N GLU A 258 -27.11 -5.97 -30.64
CA GLU A 258 -28.52 -6.40 -30.83
C GLU A 258 -29.29 -6.49 -29.52
N LYS A 259 -28.58 -6.64 -28.41
CA LYS A 259 -29.19 -6.77 -27.09
C LYS A 259 -29.33 -5.41 -26.42
N CYS A 260 -29.06 -4.31 -27.14
CA CYS A 260 -29.07 -3.00 -26.45
C CYS A 260 -30.41 -2.61 -25.84
N LYS A 261 -30.39 -2.16 -24.60
CA LYS A 261 -31.58 -1.83 -23.77
C LYS A 261 -31.69 -0.37 -23.57
N HIS A 262 -30.70 0.40 -24.02
CA HIS A 262 -30.63 1.76 -23.62
C HIS A 262 -30.40 2.72 -24.78
N SER A 263 -30.50 2.21 -26.04
CA SER A 263 -30.35 3.05 -27.23
C SER A 263 -31.62 3.90 -27.39
N ALA A 264 -31.54 4.93 -28.21
CA ALA A 264 -32.72 5.73 -28.52
C ALA A 264 -33.83 4.83 -29.02
N GLU A 265 -33.49 3.85 -29.86
CA GLU A 265 -34.47 2.95 -30.48
C GLU A 265 -35.14 2.10 -29.40
N ALA A 266 -34.35 1.51 -28.49
CA ALA A 266 -34.91 0.75 -27.39
C ALA A 266 -35.85 1.57 -26.50
N ILE A 267 -35.43 2.79 -26.16
CA ILE A 267 -36.17 3.62 -25.29
C ILE A 267 -37.51 4.06 -25.92
N ALA A 268 -37.47 4.44 -27.19
CA ALA A 268 -38.70 4.86 -27.91
C ALA A 268 -39.67 3.73 -28.02
N LEU A 269 -39.20 2.54 -28.38
CA LEU A 269 -40.06 1.35 -28.42
C LEU A 269 -40.74 1.05 -27.09
N GLU A 270 -39.98 1.13 -26.01
CA GLU A 270 -40.56 0.87 -24.68
C GLU A 270 -41.61 1.93 -24.31
N GLN A 271 -41.30 3.20 -24.58
CA GLN A 271 -42.29 4.28 -24.45
C GLN A 271 -43.59 3.91 -25.16
N SER A 272 -43.46 3.51 -26.43
CA SER A 272 -44.60 3.04 -27.28
C SER A 272 -45.44 1.86 -26.74
N ARG A 273 -44.81 0.79 -26.23
CA ARG A 273 -45.38 -0.17 -25.20
C ARG A 273 -45.13 -1.64 -25.56
N LYS B 2 -32.47 8.86 -6.70
CA LYS B 2 -31.44 9.85 -6.31
C LYS B 2 -31.39 10.94 -7.30
N GLN B 3 -30.63 11.94 -6.95
CA GLN B 3 -30.56 13.15 -7.70
C GLN B 3 -29.45 13.02 -8.78
N THR B 4 -28.50 12.11 -8.53
CA THR B 4 -27.40 11.89 -9.50
C THR B 4 -27.34 10.43 -9.90
N ALA B 5 -26.81 10.20 -11.11
CA ALA B 5 -26.68 8.88 -11.69
C ALA B 5 -25.58 8.13 -10.97
N ARG B 6 -25.85 6.87 -10.71
CA ARG B 6 -24.94 6.00 -9.97
C ARG B 6 -24.75 4.72 -10.71
N NLE B 7 -23.49 4.31 -11.00
CA NLE B 7 -23.25 2.96 -11.35
C NLE B 7 -23.37 2.09 -10.17
O NLE B 7 -23.22 2.58 -9.06
CB NLE B 7 -21.79 2.82 -11.91
CG NLE B 7 -21.44 3.77 -13.02
CD NLE B 7 -19.86 3.97 -12.99
CE NLE B 7 -19.39 4.63 -14.26
N SER B 8 -23.68 0.84 -10.37
CA SER B 8 -23.99 0.00 -9.26
C SER B 8 -23.91 -1.45 -9.70
N THR B 9 -23.79 -2.35 -8.74
CA THR B 9 -23.79 -3.80 -9.01
C THR B 9 -25.23 -4.32 -9.14
N GLU C 4 25.73 -22.49 11.29
CA GLU C 4 25.69 -23.99 11.41
C GLU C 4 24.38 -24.55 10.87
N LYS C 5 23.30 -23.74 10.92
CA LYS C 5 21.96 -24.11 10.42
C LYS C 5 21.10 -22.88 9.99
N ILE C 6 20.61 -22.90 8.73
CA ILE C 6 19.52 -22.00 8.21
C ILE C 6 18.11 -22.50 8.52
N ILE C 7 17.42 -21.81 9.43
CA ILE C 7 16.26 -22.34 10.13
C ILE C 7 14.90 -21.71 9.76
N CYS C 8 14.90 -20.60 9.04
CA CYS C 8 13.66 -20.04 8.41
C CYS C 8 14.10 -19.40 7.08
N ARG C 9 13.46 -19.74 5.95
CA ARG C 9 13.90 -19.22 4.64
C ARG C 9 13.51 -17.74 4.55
N ASP C 10 12.44 -17.38 5.22
CA ASP C 10 11.90 -15.98 5.17
C ASP C 10 11.03 -15.64 6.36
N VAL C 11 11.61 -14.89 7.30
CA VAL C 11 10.89 -14.52 8.44
C VAL C 11 9.73 -13.54 8.15
N ALA C 12 9.80 -12.83 6.99
CA ALA C 12 8.77 -11.93 6.54
C ALA C 12 7.65 -12.60 5.75
N ARG C 13 7.74 -13.92 5.57
CA ARG C 13 6.64 -14.68 4.88
C ARG C 13 6.17 -14.02 3.58
N GLY C 14 7.14 -13.59 2.80
CA GLY C 14 6.93 -12.94 1.49
C GLY C 14 6.42 -11.49 1.44
N TYR C 15 6.35 -10.85 2.60
CA TYR C 15 5.82 -9.51 2.66
C TYR C 15 6.85 -8.44 2.30
N GLU C 16 8.13 -8.77 2.20
CA GLU C 16 9.12 -7.74 1.82
C GLU C 16 9.49 -7.97 0.36
N ASN C 17 10.27 -7.05 -0.21
CA ASN C 17 10.67 -7.23 -1.61
C ASN C 17 11.59 -8.43 -1.80
N VAL C 18 12.30 -8.79 -0.76
CA VAL C 18 13.28 -9.85 -0.75
C VAL C 18 13.05 -10.69 0.50
N PRO C 19 13.46 -11.98 0.47
CA PRO C 19 13.39 -12.80 1.64
C PRO C 19 14.43 -12.42 2.69
N ILE C 20 14.07 -12.64 3.94
CA ILE C 20 14.98 -12.43 5.07
C ILE C 20 15.13 -13.74 5.87
N PRO C 21 16.23 -14.46 5.56
CA PRO C 21 16.47 -15.74 6.23
C PRO C 21 16.91 -15.59 7.70
N CYS C 22 16.67 -16.65 8.49
CA CYS C 22 17.11 -16.71 9.89
C CYS C 22 18.10 -17.92 9.99
N VAL C 23 19.22 -17.69 10.63
CA VAL C 23 20.21 -18.74 10.99
C VAL C 23 20.61 -18.61 12.44
N ASN C 24 21.07 -19.74 13.03
CA ASN C 24 21.58 -19.71 14.38
C ASN C 24 22.75 -20.69 14.40
N GLY C 25 23.96 -20.16 14.45
CA GLY C 25 25.15 -21.00 14.67
C GLY C 25 25.73 -20.90 16.05
N VAL C 26 24.94 -20.44 17.03
CA VAL C 26 25.42 -20.15 18.40
C VAL C 26 24.84 -21.08 19.47
N ASP C 27 23.55 -21.34 19.39
CA ASP C 27 22.86 -21.97 20.51
C ASP C 27 21.60 -22.67 20.03
N GLY C 28 20.77 -23.19 20.97
CA GLY C 28 19.62 -23.95 20.66
C GLY C 28 18.33 -23.19 20.49
N GLU C 29 18.42 -21.85 20.40
CA GLU C 29 17.19 -21.04 20.43
C GLU C 29 16.50 -21.23 19.08
N PRO C 30 15.19 -21.53 19.06
CA PRO C 30 14.43 -21.66 17.84
C PRO C 30 14.09 -20.23 17.22
N CYS C 31 13.83 -20.22 15.94
CA CYS C 31 13.35 -19.03 15.21
C CYS C 31 12.33 -18.30 16.06
N PRO C 32 12.51 -17.00 16.29
CA PRO C 32 11.61 -16.29 17.15
C PRO C 32 10.27 -16.12 16.42
N GLU C 33 9.19 -16.46 17.10
CA GLU C 33 7.82 -16.36 16.56
C GLU C 33 6.78 -15.85 17.60
N ASP C 34 7.21 -15.20 18.66
CA ASP C 34 6.30 -14.60 19.66
CA ASP C 34 6.36 -14.59 19.66
C ASP C 34 5.88 -13.18 19.25
N TYR C 35 5.68 -13.00 17.95
CA TYR C 35 5.25 -11.69 17.38
C TYR C 35 4.66 -11.99 16.05
N LYS C 36 3.92 -11.04 15.52
CA LYS C 36 3.36 -11.02 14.22
C LYS C 36 4.16 -10.15 13.25
N TYR C 37 4.79 -10.79 12.26
CA TYR C 37 5.52 -10.01 11.27
C TYR C 37 4.53 -9.21 10.42
N ILE C 38 4.75 -7.91 10.31
CA ILE C 38 3.97 -6.99 9.46
C ILE C 38 4.96 -6.13 8.74
N SER C 39 4.66 -5.86 7.52
CA SER C 39 5.64 -5.03 6.74
C SER C 39 5.29 -3.53 6.75
N GLU C 40 4.10 -3.14 7.20
CA GLU C 40 3.67 -1.76 7.37
C GLU C 40 3.08 -1.52 8.73
N ASN C 41 3.15 -0.27 9.24
CA ASN C 41 2.64 0.01 10.58
C ASN C 41 1.14 -0.35 10.70
N CYS C 42 0.76 -0.83 11.87
CA CYS C 42 -0.64 -1.17 12.19
C CYS C 42 -1.16 -0.36 13.33
N GLU C 43 -2.51 -0.32 13.40
CA GLU C 43 -3.21 0.39 14.43
C GLU C 43 -4.02 -0.60 15.23
N THR C 44 -4.06 -0.33 16.53
CA THR C 44 -4.91 -1.17 17.47
C THR C 44 -5.91 -0.30 18.26
N SER C 45 -6.04 0.96 17.89
CA SER C 45 -7.00 1.92 18.49
C SER C 45 -7.35 2.98 17.49
N THR C 46 -8.26 3.89 17.82
CA THR C 46 -8.66 4.92 16.83
C THR C 46 -7.58 6.04 16.76
N MET C 47 -6.89 6.17 15.60
CA MET C 47 -5.74 7.12 15.46
C MET C 47 -6.06 8.25 14.43
N ASN C 48 -6.88 7.92 13.45
CA ASN C 48 -7.30 8.85 12.37
C ASN C 48 -6.10 9.58 11.81
N ILE C 49 -5.15 8.77 11.31
CA ILE C 49 -4.09 9.38 10.50
C ILE C 49 -4.75 10.18 9.37
N ASP C 50 -4.27 11.39 9.22
CA ASP C 50 -4.77 12.33 8.21
C ASP C 50 -4.34 11.85 6.83
N ARG C 51 -5.25 11.14 6.17
CA ARG C 51 -4.99 10.72 4.77
C ARG C 51 -5.72 11.50 3.72
N ASN C 52 -6.10 12.71 4.01
CA ASN C 52 -6.83 13.55 3.04
C ASN C 52 -5.85 13.93 1.96
N ILE C 53 -6.16 13.53 0.74
CA ILE C 53 -5.17 13.74 -0.38
C ILE C 53 -4.93 15.24 -0.63
N THR C 54 -5.93 16.06 -0.29
CA THR C 54 -5.80 17.49 -0.45
C THR C 54 -4.95 18.15 0.61
N HIS C 55 -4.59 17.43 1.67
CA HIS C 55 -3.62 17.92 2.63
C HIS C 55 -2.19 17.57 2.34
N LEU C 56 -1.92 16.96 1.20
CA LEU C 56 -0.53 16.63 0.86
C LEU C 56 0.11 17.80 0.18
N GLN C 57 1.24 18.22 0.67
CA GLN C 57 2.11 19.05 -0.16
C GLN C 57 2.74 18.22 -1.22
N HIS C 58 2.91 18.77 -2.42
CA HIS C 58 3.24 17.99 -3.59
C HIS C 58 3.92 18.85 -4.65
N CYS C 59 4.66 18.19 -5.52
CA CYS C 59 5.42 18.84 -6.56
C CYS C 59 4.67 18.83 -7.89
N THR C 60 5.12 19.69 -8.79
CA THR C 60 4.62 19.77 -10.12
C THR C 60 5.69 19.40 -11.16
N CYS C 61 6.76 18.74 -10.74
CA CYS C 61 7.84 18.31 -11.64
C CYS C 61 7.45 17.49 -12.83
N VAL C 62 7.97 17.85 -14.02
CA VAL C 62 7.83 16.95 -15.19
C VAL C 62 9.08 16.19 -15.56
N ASP C 63 10.09 16.28 -14.71
CA ASP C 63 11.30 15.46 -14.87
C ASP C 63 11.27 14.34 -13.84
N ASP C 64 12.47 13.95 -13.39
CA ASP C 64 12.62 12.89 -12.40
C ASP C 64 12.79 13.36 -10.98
N CYS C 65 12.44 14.61 -10.65
CA CYS C 65 12.60 15.25 -9.41
C CYS C 65 14.03 15.35 -8.91
N SER C 66 14.92 15.46 -9.87
CA SER C 66 16.35 15.65 -9.59
C SER C 66 16.77 17.12 -9.49
N SER C 67 15.86 18.06 -9.76
CA SER C 67 16.19 19.45 -9.73
C SER C 67 15.90 20.06 -8.40
N SER C 68 16.59 21.12 -8.06
CA SER C 68 16.35 21.78 -6.80
C SER C 68 15.03 22.50 -6.73
N ASN C 69 14.33 22.66 -7.87
CA ASN C 69 13.03 23.25 -7.90
C ASN C 69 11.87 22.33 -7.37
N CYS C 70 12.18 21.02 -7.19
CA CYS C 70 11.16 20.14 -6.66
C CYS C 70 10.66 20.56 -5.28
N LEU C 71 9.37 20.81 -5.16
CA LEU C 71 8.77 21.33 -3.95
C LEU C 71 9.06 20.37 -2.81
N CYS C 72 9.01 19.08 -3.16
CA CYS C 72 9.07 18.05 -2.07
C CYS C 72 10.49 17.97 -1.49
N GLY C 73 11.49 18.08 -2.32
CA GLY C 73 12.86 18.29 -1.84
C GLY C 73 13.01 19.53 -1.04
N GLN C 74 12.41 20.63 -1.50
CA GLN C 74 12.58 21.86 -0.72
C GLN C 74 12.02 21.78 0.70
N LEU C 75 11.06 20.88 0.99
CA LEU C 75 10.49 20.76 2.32
C LEU C 75 11.51 20.25 3.33
N SER C 76 12.60 19.68 2.83
CA SER C 76 13.79 19.42 3.65
C SER C 76 15.07 20.21 3.29
N ILE C 77 14.87 21.47 2.92
CA ILE C 77 15.86 22.37 2.24
C ILE C 77 16.25 21.87 0.86
N ARG C 78 16.68 20.63 0.76
CA ARG C 78 16.87 19.93 -0.52
C ARG C 78 16.54 18.43 -0.43
N CYS C 79 16.46 17.77 -1.56
CA CYS C 79 16.37 16.34 -1.58
C CYS C 79 17.75 15.84 -1.09
N TRP C 80 17.75 14.90 -0.16
CA TRP C 80 19.01 14.34 0.37
C TRP C 80 19.48 13.07 -0.35
N TYR C 81 18.79 12.62 -1.37
CA TYR C 81 19.09 11.44 -2.15
C TYR C 81 19.91 11.71 -3.40
N ASP C 82 20.98 10.95 -3.59
CA ASP C 82 21.74 11.04 -4.83
C ASP C 82 21.05 10.29 -5.92
N LYS C 83 21.67 10.23 -7.10
CA LYS C 83 21.01 9.58 -8.21
C LYS C 83 20.75 8.07 -8.05
N ASP C 84 21.45 7.45 -7.08
CA ASP C 84 21.38 6.01 -6.84
C ASP C 84 20.48 5.74 -5.64
N GLY C 85 19.93 6.78 -5.04
CA GLY C 85 19.00 6.57 -3.89
C GLY C 85 19.67 6.57 -2.56
N ARG C 86 20.88 7.08 -2.49
CA ARG C 86 21.65 7.08 -1.26
C ARG C 86 21.77 8.47 -0.66
N LEU C 87 21.79 8.62 0.66
CA LEU C 87 21.93 9.92 1.28
C LEU C 87 23.21 10.61 0.85
N LEU C 88 23.15 11.92 0.64
CA LEU C 88 24.39 12.70 0.32
C LEU C 88 25.41 12.59 1.44
N GLN C 89 26.70 12.68 1.10
CA GLN C 89 27.79 12.67 2.08
C GLN C 89 27.57 13.73 3.19
N GLU C 90 27.06 14.89 2.81
CA GLU C 90 26.90 16.02 3.71
C GLU C 90 25.67 15.87 4.57
N PHE C 91 24.92 14.78 4.37
CA PHE C 91 23.70 14.61 5.18
C PHE C 91 24.04 14.73 6.66
N ASN C 92 23.20 15.43 7.38
CA ASN C 92 23.41 15.59 8.85
C ASN C 92 23.02 14.27 9.57
N LYS C 93 24.00 13.46 9.99
CA LYS C 93 23.75 12.15 10.63
C LYS C 93 23.50 12.23 12.15
N ILE C 94 23.74 13.37 12.74
CA ILE C 94 23.59 13.60 14.20
C ILE C 94 22.15 14.05 14.50
N GLU C 95 21.69 15.02 13.73
CA GLU C 95 20.32 15.53 13.84
C GLU C 95 19.73 15.52 12.45
N PRO C 96 19.24 14.37 12.01
CA PRO C 96 18.77 14.37 10.64
C PRO C 96 17.53 15.24 10.39
N PRO C 97 17.39 15.77 9.16
CA PRO C 97 16.13 16.49 8.88
C PRO C 97 14.94 15.52 8.68
N LEU C 98 13.71 16.07 8.60
CA LEU C 98 12.56 15.27 8.20
C LEU C 98 12.48 15.22 6.67
N ILE C 99 12.38 14.03 6.08
CA ILE C 99 12.42 13.84 4.66
C ILE C 99 10.95 13.74 4.19
N PHE C 100 10.56 14.52 3.15
CA PHE C 100 9.25 14.43 2.56
C PHE C 100 9.47 13.82 1.19
N GLU C 101 9.14 12.55 0.99
CA GLU C 101 9.22 11.93 -0.27
C GLU C 101 8.02 12.35 -1.15
N CYS C 102 8.14 12.09 -2.42
CA CYS C 102 7.02 12.38 -3.33
C CYS C 102 5.87 11.35 -3.01
N ASN C 103 4.67 11.71 -3.46
CA ASN C 103 3.49 11.06 -3.10
C ASN C 103 2.49 11.09 -4.26
N GLN C 104 1.31 10.48 -4.02
CA GLN C 104 0.32 10.27 -5.01
C GLN C 104 -0.34 11.59 -5.48
N ALA C 105 -0.10 12.72 -4.81
CA ALA C 105 -0.56 14.02 -5.33
C ALA C 105 0.46 14.69 -6.26
N CYS C 106 1.71 14.22 -6.24
CA CYS C 106 2.77 14.84 -7.08
C CYS C 106 2.51 14.50 -8.54
N SER C 107 3.02 15.33 -9.44
CA SER C 107 2.84 15.10 -10.87
C SER C 107 3.80 14.07 -11.44
N CYS C 108 4.86 13.76 -10.68
CA CYS C 108 5.93 12.94 -11.14
C CYS C 108 5.60 11.45 -11.14
N TRP C 109 6.49 10.64 -11.72
CA TRP C 109 6.30 9.21 -11.89
C TRP C 109 6.75 8.47 -10.64
N ARG C 110 6.32 7.21 -10.53
CA ARG C 110 6.57 6.41 -9.37
C ARG C 110 8.04 6.08 -9.16
N ASN C 111 8.84 6.21 -10.22
CA ASN C 111 10.27 6.02 -10.13
C ASN C 111 11.09 7.30 -10.08
N CYS C 112 10.49 8.43 -9.67
CA CYS C 112 11.29 9.62 -9.50
C CYS C 112 12.37 9.38 -8.45
N LYS C 113 13.28 10.35 -8.37
CA LYS C 113 14.45 10.25 -7.50
C LYS C 113 14.20 10.50 -6.01
N ASN C 114 12.97 10.83 -5.64
CA ASN C 114 12.58 11.16 -4.29
C ASN C 114 11.55 10.18 -3.77
N ARG C 115 11.87 8.88 -3.91
CA ARG C 115 10.94 7.77 -3.57
C ARG C 115 11.66 6.52 -2.97
N VAL C 116 12.68 6.72 -2.22
CA VAL C 116 13.58 5.66 -1.81
C VAL C 116 12.94 4.73 -0.75
N VAL C 117 12.46 5.32 0.32
CA VAL C 117 11.92 4.52 1.43
C VAL C 117 10.65 3.82 1.02
N GLN C 118 9.84 4.51 0.23
CA GLN C 118 8.54 3.91 -0.11
C GLN C 118 8.72 2.74 -1.03
N SER C 119 9.89 2.59 -1.65
CA SER C 119 10.17 1.49 -2.51
C SER C 119 10.65 0.22 -1.79
N GLY C 120 10.90 0.31 -0.48
CA GLY C 120 11.12 -0.88 0.35
C GLY C 120 12.54 -1.42 0.34
N ILE C 121 12.67 -2.60 0.93
CA ILE C 121 13.99 -3.21 1.21
C ILE C 121 14.58 -3.68 -0.10
N LYS C 122 15.87 -3.36 -0.30
CA LYS C 122 16.63 -3.87 -1.46
C LYS C 122 17.86 -4.69 -1.08
N VAL C 123 18.43 -4.50 0.11
CA VAL C 123 19.65 -5.18 0.52
C VAL C 123 19.29 -6.53 1.11
N ARG C 124 20.27 -7.40 0.99
CA ARG C 124 20.14 -8.73 1.58
C ARG C 124 20.59 -8.71 3.01
N LEU C 125 19.63 -9.06 3.87
CA LEU C 125 19.77 -9.05 5.31
C LEU C 125 19.55 -10.48 5.81
N GLN C 126 19.99 -10.72 7.06
CA GLN C 126 19.81 -11.99 7.73
C GLN C 126 19.57 -11.77 9.17
N LEU C 127 18.60 -12.51 9.69
CA LEU C 127 18.36 -12.57 11.14
C LEU C 127 19.24 -13.73 11.66
N TYR C 128 20.05 -13.42 12.64
CA TYR C 128 21.05 -14.36 13.15
C TYR C 128 21.17 -14.29 14.65
N ARG C 129 21.70 -15.39 15.23
CA ARG C 129 21.97 -15.42 16.64
C ARG C 129 23.36 -14.82 17.03
N THR C 130 23.31 -13.83 17.87
CA THR C 130 24.53 -13.15 18.38
C THR C 130 25.06 -13.93 19.55
N ALA C 131 26.29 -13.60 19.95
CA ALA C 131 26.82 -14.23 21.18
C ALA C 131 26.22 -13.74 22.48
N LYS C 132 25.97 -12.43 22.61
CA LYS C 132 25.55 -11.84 23.87
C LYS C 132 24.32 -10.94 23.93
N MET C 133 23.72 -10.71 22.75
CA MET C 133 22.66 -9.74 22.60
C MET C 133 21.47 -10.43 21.92
N GLY C 134 21.23 -11.73 22.12
CA GLY C 134 20.02 -12.38 21.58
C GLY C 134 20.13 -12.44 20.05
N TRP C 135 19.02 -12.18 19.37
CA TRP C 135 18.99 -12.18 17.92
C TRP C 135 19.45 -10.76 17.48
N GLY C 136 20.02 -10.75 16.30
CA GLY C 136 20.48 -9.50 15.63
C GLY C 136 20.24 -9.57 14.17
N VAL C 137 20.59 -8.49 13.46
CA VAL C 137 20.50 -8.45 12.03
C VAL C 137 21.86 -8.10 11.42
N ARG C 138 22.24 -8.85 10.42
CA ARG C 138 23.48 -8.52 9.65
C ARG C 138 23.27 -8.43 8.18
N ALA C 139 24.25 -7.78 7.54
CA ALA C 139 24.34 -7.69 6.09
C ALA C 139 24.90 -8.89 5.42
N LEU C 140 24.30 -9.34 4.32
CA LEU C 140 24.82 -10.40 3.49
C LEU C 140 25.44 -9.88 2.17
N GLN C 141 25.73 -8.61 2.15
CA GLN C 141 26.41 -8.00 1.02
C GLN C 141 27.11 -6.74 1.53
N THR C 142 27.97 -6.18 0.71
CA THR C 142 28.50 -4.86 0.97
C THR C 142 27.37 -3.84 0.73
N ILE C 143 27.36 -2.84 1.61
CA ILE C 143 26.31 -1.75 1.64
C ILE C 143 27.04 -0.39 1.75
N PRO C 144 27.05 0.37 0.61
CA PRO C 144 27.69 1.65 0.66
C PRO C 144 27.05 2.61 1.65
N GLN C 145 27.75 3.62 2.08
CA GLN C 145 27.21 4.64 2.97
C GLN C 145 25.96 5.30 2.35
N GLY C 146 25.01 5.64 3.24
CA GLY C 146 23.75 6.32 2.80
C GLY C 146 22.67 5.44 2.26
N THR C 147 22.79 4.11 2.31
CA THR C 147 21.89 3.21 1.60
C THR C 147 20.71 2.97 2.54
N PHE C 148 19.50 2.97 1.98
CA PHE C 148 18.32 2.60 2.78
C PHE C 148 18.40 1.12 3.10
N ILE C 149 18.19 0.79 4.37
CA ILE C 149 18.23 -0.58 4.86
C ILE C 149 16.80 -1.18 5.05
N CYS C 150 16.07 -0.52 5.93
CA CYS C 150 14.72 -1.02 6.30
C CYS C 150 14.06 0.00 7.17
N GLU C 151 12.75 -0.20 7.43
CA GLU C 151 11.95 0.75 8.22
C GLU C 151 11.63 0.13 9.60
N TYR C 152 11.51 0.93 10.62
CA TYR C 152 11.07 0.44 11.96
C TYR C 152 9.58 0.41 11.98
N VAL C 153 9.03 -0.79 11.80
CA VAL C 153 7.59 -1.03 11.60
C VAL C 153 7.05 -1.67 12.84
N GLY C 154 5.84 -1.23 13.27
CA GLY C 154 5.20 -1.88 14.39
C GLY C 154 3.80 -1.35 14.60
N GLU C 155 3.36 -1.47 15.81
CA GLU C 155 2.03 -1.00 16.26
C GLU C 155 2.10 0.48 16.70
N LEU C 156 1.21 1.35 16.15
CA LEU C 156 1.17 2.75 16.53
C LEU C 156 0.36 2.87 17.82
N ILE C 157 0.95 3.51 18.82
CA ILE C 157 0.31 3.70 20.16
C ILE C 157 0.55 5.11 20.62
N SER C 158 -0.31 5.53 21.57
CA SER C 158 -0.13 6.84 22.20
C SER C 158 0.98 6.81 23.23
N ASP C 159 1.44 7.98 23.63
CA ASP C 159 2.41 8.08 24.73
C ASP C 159 1.88 7.44 26.04
N ALA C 160 0.59 7.65 26.30
CA ALA C 160 -0.07 7.16 27.50
C ALA C 160 -0.09 5.64 27.49
N GLU C 161 -0.34 5.00 26.33
CA GLU C 161 -0.35 3.59 26.22
C GLU C 161 1.11 3.06 26.39
N ALA C 162 2.05 3.76 25.76
CA ALA C 162 3.46 3.34 25.79
C ALA C 162 4.05 3.35 27.23
N ASP C 163 3.54 4.28 28.04
CA ASP C 163 3.94 4.38 29.45
C ASP C 163 3.46 3.22 30.31
N VAL C 164 2.44 2.46 29.90
CA VAL C 164 1.98 1.27 30.64
C VAL C 164 2.31 -0.05 30.00
N ARG C 165 3.09 -0.04 28.90
CA ARG C 165 3.44 -1.27 28.25
C ARG C 165 4.40 -2.06 29.18
N GLU C 166 4.06 -3.28 29.52
CA GLU C 166 4.93 -4.08 30.38
C GLU C 166 6.30 -4.39 29.79
N ASP C 167 6.39 -4.72 28.49
CA ASP C 167 7.68 -4.92 27.76
C ASP C 167 7.99 -3.63 27.01
N ASP C 168 9.07 -2.99 27.42
CA ASP C 168 9.53 -1.78 26.84
C ASP C 168 10.88 -1.93 26.17
N SER C 169 11.08 -3.07 25.51
CA SER C 169 12.31 -3.31 24.72
C SER C 169 12.17 -2.94 23.28
N TYR C 170 10.95 -2.61 22.78
CA TYR C 170 10.72 -2.40 21.33
C TYR C 170 9.93 -1.11 21.02
N LEU C 171 10.04 -0.10 21.92
CA LEU C 171 9.26 1.15 21.77
C LEU C 171 10.14 2.21 21.12
N PHE C 172 9.64 2.80 20.02
CA PHE C 172 10.36 3.86 19.32
C PHE C 172 9.51 5.15 19.34
N ASP C 173 9.96 6.21 19.98
CA ASP C 173 9.25 7.46 20.03
C ASP C 173 9.24 8.13 18.67
N LEU C 174 8.05 8.60 18.25
CA LEU C 174 7.87 9.46 17.06
C LEU C 174 7.86 10.94 17.47
N ASP C 175 9.06 11.52 17.40
CA ASP C 175 9.49 12.91 17.77
C ASP C 175 10.63 13.09 18.85
N GLU C 180 3.01 15.38 23.62
CA GLU C 180 2.10 14.46 22.96
C GLU C 180 2.83 13.82 21.77
N VAL C 181 3.76 12.93 22.09
CA VAL C 181 4.48 12.07 21.14
C VAL C 181 3.63 10.80 20.94
N TYR C 182 3.66 10.15 19.78
CA TYR C 182 3.12 8.79 19.63
C TYR C 182 4.36 7.85 19.47
N CYS C 183 4.13 6.55 19.50
CA CYS C 183 5.21 5.58 19.52
C CYS C 183 4.91 4.41 18.65
N ILE C 184 5.94 3.74 18.14
CA ILE C 184 5.82 2.49 17.51
C ILE C 184 6.23 1.43 18.55
N ASP C 185 5.35 0.43 18.79
CA ASP C 185 5.75 -0.68 19.62
C ASP C 185 5.90 -1.84 18.71
N ALA C 186 7.14 -2.38 18.60
CA ALA C 186 7.35 -3.52 17.81
C ALA C 186 7.33 -4.86 18.56
N ARG C 187 6.91 -4.87 19.78
CA ARG C 187 6.85 -6.08 20.54
C ARG C 187 5.92 -7.14 19.99
N TYR C 188 4.65 -6.78 19.72
CA TYR C 188 3.68 -7.79 19.29
C TYR C 188 3.48 -7.86 17.81
N TYR C 189 3.68 -6.71 17.13
CA TYR C 189 3.64 -6.62 15.68
C TYR C 189 4.90 -5.88 15.31
N GLY C 190 5.66 -6.41 14.36
CA GLY C 190 6.88 -5.68 13.92
C GLY C 190 7.44 -6.33 12.69
N ASN C 191 8.51 -5.74 12.12
CA ASN C 191 9.21 -6.35 11.03
C ASN C 191 10.65 -6.63 11.45
N ILE C 192 11.53 -6.76 10.45
CA ILE C 192 12.94 -7.23 10.69
C ILE C 192 13.67 -6.23 11.61
N SER C 193 13.30 -4.97 11.60
CA SER C 193 13.91 -3.91 12.44
C SER C 193 13.89 -4.11 13.94
N ARG C 194 12.88 -4.88 14.34
CA ARG C 194 12.69 -5.14 15.83
C ARG C 194 13.82 -6.02 16.36
N PHE C 195 14.59 -6.59 15.44
CA PHE C 195 15.76 -7.41 15.82
C PHE C 195 17.10 -6.67 15.71
N ILE C 196 17.11 -5.39 15.43
CA ILE C 196 18.38 -4.62 15.31
C ILE C 196 18.81 -4.17 16.69
N ASN C 197 20.04 -4.54 17.09
CA ASN C 197 20.55 -4.23 18.38
C ASN C 197 21.20 -2.85 18.49
N HIS C 198 21.39 -2.41 19.71
CA HIS C 198 22.04 -1.15 19.99
C HIS C 198 23.54 -1.39 19.85
N LEU C 199 24.24 -0.45 19.23
CA LEU C 199 25.71 -0.51 19.17
C LEU C 199 26.19 0.85 19.60
N CYS C 200 27.22 0.88 20.49
CA CYS C 200 27.83 2.17 20.85
C CYS C 200 28.78 2.62 19.70
N ASP C 201 29.15 1.74 18.78
CA ASP C 201 29.78 2.10 17.51
C ASP C 201 28.83 1.78 16.31
N PRO C 202 27.83 2.65 16.11
CA PRO C 202 26.74 2.25 15.21
C PRO C 202 27.11 2.39 13.73
N ASN C 203 26.42 1.65 12.91
CA ASN C 203 26.62 1.77 11.47
C ASN C 203 25.35 2.10 10.69
N ILE C 204 24.24 2.33 11.42
CA ILE C 204 22.99 2.84 10.74
C ILE C 204 22.44 3.94 11.58
N ILE C 205 21.61 4.78 10.96
CA ILE C 205 20.91 5.82 11.67
C ILE C 205 19.41 5.88 11.29
N PRO C 206 18.56 6.19 12.27
CA PRO C 206 17.12 6.37 11.97
C PRO C 206 16.86 7.78 11.51
N VAL C 207 15.92 7.90 10.53
CA VAL C 207 15.50 9.16 9.93
C VAL C 207 13.96 9.16 9.86
N ARG C 208 13.36 10.28 10.24
CA ARG C 208 11.91 10.45 10.07
C ARG C 208 11.56 10.79 8.63
N VAL C 209 10.60 10.11 8.06
CA VAL C 209 10.19 10.27 6.66
C VAL C 209 8.66 10.28 6.51
N PHE C 210 8.19 11.11 5.57
CA PHE C 210 6.77 11.18 5.15
C PHE C 210 6.69 10.69 3.73
N MET C 211 5.65 9.91 3.43
CA MET C 211 5.42 9.32 2.10
C MET C 211 3.97 9.53 1.74
N LEU C 212 3.08 8.53 2.01
CA LEU C 212 1.71 8.63 1.49
C LEU C 212 0.78 9.61 2.26
N HIS C 213 1.19 10.03 3.42
CA HIS C 213 0.46 10.99 4.23
C HIS C 213 1.54 11.90 4.83
N GLN C 214 1.11 13.05 5.31
CA GLN C 214 1.99 14.02 5.98
C GLN C 214 1.46 14.42 7.33
N ASP C 215 0.84 13.50 8.02
CA ASP C 215 0.39 13.70 9.43
C ASP C 215 1.59 13.69 10.32
N LEU C 216 1.96 14.86 10.80
CA LEU C 216 3.22 15.06 11.52
C LEU C 216 3.31 14.26 12.85
N ARG C 217 2.17 13.75 13.32
CA ARG C 217 2.23 12.84 14.49
C ARG C 217 2.91 11.50 14.15
N PHE C 218 2.93 11.16 12.86
CA PHE C 218 3.25 9.76 12.43
C PHE C 218 4.35 9.71 11.35
N PRO C 219 5.52 10.31 11.68
CA PRO C 219 6.64 10.02 10.78
C PRO C 219 6.85 8.51 10.79
N ARG C 220 7.40 8.00 9.67
CA ARG C 220 7.85 6.64 9.52
C ARG C 220 9.37 6.66 9.75
N ILE C 221 9.88 5.63 10.36
CA ILE C 221 11.31 5.59 10.78
C ILE C 221 12.10 4.76 9.86
N ALA C 222 13.02 5.37 9.06
CA ALA C 222 13.84 4.72 8.12
C ALA C 222 15.29 4.59 8.56
N PHE C 223 15.84 3.41 8.40
CA PHE C 223 17.31 3.28 8.72
C PHE C 223 18.13 3.35 7.44
N PHE C 224 19.16 4.17 7.49
CA PHE C 224 20.18 4.24 6.45
C PHE C 224 21.57 4.00 7.07
N SER C 225 22.42 3.43 6.22
CA SER C 225 23.80 3.13 6.69
C SER C 225 24.53 4.45 6.84
N SER C 226 25.32 4.55 7.90
CA SER C 226 26.06 5.78 8.20
C SER C 226 27.52 5.65 7.72
N ARG C 227 27.89 4.52 7.15
CA ARG C 227 29.24 4.28 6.57
C ARG C 227 29.15 3.09 5.66
N ASP C 228 30.21 2.80 4.95
CA ASP C 228 30.20 1.64 4.16
C ASP C 228 30.16 0.48 5.12
N ILE C 229 29.36 -0.51 4.79
CA ILE C 229 29.22 -1.72 5.61
C ILE C 229 29.73 -2.95 4.85
N ARG C 230 30.56 -3.78 5.52
CA ARG C 230 31.10 -5.03 4.91
C ARG C 230 30.16 -6.20 5.07
N THR C 231 30.21 -7.15 4.14
CA THR C 231 29.41 -8.37 4.22
C THR C 231 29.61 -9.01 5.58
N GLY C 232 28.53 -9.47 6.21
CA GLY C 232 28.60 -10.13 7.50
C GLY C 232 28.55 -9.23 8.71
N GLU C 233 28.76 -7.92 8.55
CA GLU C 233 28.74 -7.03 9.72
C GLU C 233 27.31 -6.94 10.35
N GLU C 234 27.31 -6.95 11.64
CA GLU C 234 26.03 -6.71 12.38
C GLU C 234 25.62 -5.25 12.17
N LEU C 235 24.33 -5.04 11.90
CA LEU C 235 23.77 -3.73 11.88
C LEU C 235 23.34 -3.29 13.26
N GLY C 236 23.54 -2.02 13.55
CA GLY C 236 23.09 -1.47 14.73
C GLY C 236 23.04 0.01 14.81
N PHE C 237 22.16 0.57 15.63
CA PHE C 237 22.06 2.00 15.82
C PHE C 237 22.17 2.38 17.28
N ASP C 238 22.35 3.66 17.55
CA ASP C 238 22.33 4.17 18.88
C ASP C 238 20.93 4.38 19.37
N TYR C 239 20.46 3.49 20.24
CA TYR C 239 19.10 3.64 20.77
C TYR C 239 18.83 4.97 21.44
N GLY C 240 19.84 5.60 22.02
CA GLY C 240 19.73 6.87 22.70
C GLY C 240 19.48 6.85 24.22
N ASP C 241 19.60 8.00 24.87
CA ASP C 241 19.50 8.00 26.34
C ASP C 241 18.05 7.87 26.87
N ARG C 242 17.04 8.16 26.03
CA ARG C 242 15.67 7.84 26.40
C ARG C 242 15.41 6.35 26.56
N PHE C 243 16.30 5.50 26.06
CA PHE C 243 16.24 4.10 26.25
C PHE C 243 17.11 3.70 27.45
N TRP C 244 18.40 3.99 27.36
CA TRP C 244 19.34 3.46 28.36
C TRP C 244 19.12 4.09 29.74
N ASP C 245 18.61 5.30 29.82
CA ASP C 245 18.36 5.90 31.18
C ASP C 245 17.47 5.00 31.98
N ILE C 246 16.50 4.36 31.35
CA ILE C 246 15.57 3.43 31.99
C ILE C 246 16.16 2.01 32.05
N LYS C 247 16.67 1.49 30.93
CA LYS C 247 16.98 0.11 30.86
C LYS C 247 18.27 -0.26 31.66
N SER C 248 19.17 0.70 31.88
CA SER C 248 20.44 0.28 32.50
C SER C 248 20.25 -0.30 33.91
N LYS C 249 19.18 0.09 34.62
CA LYS C 249 18.83 -0.59 35.89
C LYS C 249 18.56 -2.09 35.79
N TYR C 250 18.23 -2.58 34.60
CA TYR C 250 17.83 -3.98 34.38
C TYR C 250 18.89 -4.82 33.64
N PHE C 251 19.67 -4.18 32.76
CA PHE C 251 20.75 -4.83 32.06
C PHE C 251 21.66 -3.73 31.49
N THR C 252 22.88 -4.10 31.21
CA THR C 252 23.85 -3.20 30.62
C THR C 252 24.27 -3.65 29.21
N CYS C 253 24.96 -2.76 28.49
CA CYS C 253 25.31 -3.01 27.10
C CYS C 253 26.38 -4.07 26.92
N GLN C 254 26.17 -4.93 25.97
CA GLN C 254 27.11 -5.95 25.65
C GLN C 254 27.80 -5.76 24.29
N CYS C 255 27.74 -4.57 23.72
CA CYS C 255 28.22 -4.37 22.32
C CYS C 255 29.68 -4.64 22.16
N GLY C 256 30.43 -4.39 23.25
CA GLY C 256 31.84 -4.81 23.31
C GLY C 256 32.82 -3.81 22.74
N SER C 257 32.32 -2.62 22.41
CA SER C 257 33.16 -1.61 21.81
C SER C 257 34.09 -1.01 22.84
N GLU C 258 35.28 -0.62 22.42
CA GLU C 258 36.09 0.27 23.30
C GLU C 258 35.44 1.63 23.55
N LYS C 259 34.56 2.04 22.67
CA LYS C 259 33.80 3.28 22.87
C LYS C 259 32.53 3.05 23.73
N CYS C 260 32.35 1.86 24.31
CA CYS C 260 31.05 1.55 24.97
C CYS C 260 30.73 2.52 26.06
N LYS C 261 29.56 3.14 26.02
CA LYS C 261 29.17 4.12 26.98
C LYS C 261 28.13 3.57 27.91
N HIS C 262 27.71 2.32 27.73
CA HIS C 262 26.59 1.81 28.52
C HIS C 262 26.84 0.48 29.15
N SER C 263 28.11 0.05 29.20
CA SER C 263 28.44 -1.17 29.90
C SER C 263 28.39 -0.96 31.41
N ALA C 264 28.35 -2.10 32.08
CA ALA C 264 28.41 -2.10 33.55
C ALA C 264 29.64 -1.35 34.05
N GLU C 265 30.77 -1.59 33.40
CA GLU C 265 31.95 -0.78 33.64
C GLU C 265 31.88 0.73 33.41
N ALA C 266 31.44 1.15 32.21
CA ALA C 266 31.28 2.56 31.97
C ALA C 266 30.38 3.23 33.00
N ILE C 267 29.25 2.58 33.31
CA ILE C 267 28.28 3.16 34.24
C ILE C 267 28.92 3.30 35.65
N ALA C 268 29.64 2.28 36.06
CA ALA C 268 30.31 2.23 37.40
C ALA C 268 31.38 3.28 37.49
N LEU C 269 32.17 3.42 36.43
CA LEU C 269 33.20 4.47 36.35
C LEU C 269 32.66 5.89 36.41
N GLU C 270 31.47 6.10 35.85
CA GLU C 270 30.81 7.37 35.92
C GLU C 270 30.21 7.63 37.32
N GLN C 271 29.55 6.62 37.92
CA GLN C 271 29.02 6.70 39.30
C GLN C 271 30.12 7.22 40.25
N SER C 272 31.34 6.71 40.11
CA SER C 272 32.50 7.38 40.71
C SER C 272 32.83 8.70 39.98
N ARG C 273 31.81 9.58 39.92
CA ARG C 273 31.98 11.02 39.67
C ARG C 273 31.94 11.50 41.09
N LEU C 274 33.03 11.26 41.82
CA LEU C 274 33.03 11.41 43.28
C LEU C 274 34.45 11.35 43.82
N THR D 1 10.80 13.00 32.63
CA THR D 1 11.11 11.73 31.93
C THR D 1 9.92 10.75 32.04
N LYS D 2 10.01 9.64 31.32
CA LYS D 2 8.88 8.73 31.16
C LYS D 2 9.09 7.40 31.92
N GLN D 3 8.03 6.60 32.06
CA GLN D 3 8.08 5.36 32.83
C GLN D 3 8.73 4.23 32.03
N THR D 4 8.71 4.30 30.69
CA THR D 4 9.20 3.20 29.89
C THR D 4 10.28 3.73 28.98
N ALA D 5 11.20 2.80 28.66
CA ALA D 5 12.31 3.02 27.75
C ALA D 5 11.80 3.23 26.30
N ARG D 6 12.43 4.18 25.64
CA ARG D 6 12.02 4.57 24.29
C ARG D 6 13.29 4.75 23.50
N NLE D 7 13.35 4.09 22.35
CA NLE D 7 14.35 4.43 21.29
C NLE D 7 13.93 5.73 20.64
O NLE D 7 12.75 6.10 20.71
CB NLE D 7 14.45 3.34 20.22
CG NLE D 7 14.71 1.98 20.88
CD NLE D 7 14.93 0.88 19.89
CE NLE D 7 13.89 -0.18 19.84
N SER D 8 14.90 6.42 20.02
CA SER D 8 14.69 7.75 19.50
C SER D 8 15.65 8.18 18.37
N THR D 9 15.16 9.11 17.53
CA THR D 9 15.96 9.76 16.47
C THR D 9 16.82 10.92 17.05
ZN ZN E . -6.47 -15.60 5.43
ZN ZN F . -6.09 -19.33 4.79
ZN ZN G . -3.93 -16.83 2.84
ZN ZN H . -26.45 -0.51 -25.32
N SAM I . -16.11 7.42 -22.28
CA SAM I . -15.74 8.00 -20.94
C SAM I . -14.70 9.06 -21.16
O SAM I . -14.27 9.63 -20.12
OXT SAM I . -14.37 9.42 -22.34
CB SAM I . -15.25 6.98 -19.95
CG SAM I . -16.36 6.23 -19.19
SD SAM I . -17.24 7.20 -18.00
CE SAM I . -17.24 6.37 -16.56
C5' SAM I . -18.91 7.20 -18.39
C4' SAM I . -19.40 8.14 -19.49
O4' SAM I . -18.94 7.64 -20.76
C3' SAM I . -20.90 8.27 -19.67
O3' SAM I . -21.47 9.24 -18.76
C2' SAM I . -20.97 8.66 -21.13
O2' SAM I . -20.59 10.03 -21.37
C1' SAM I . -19.96 7.80 -21.79
N9 SAM I . -20.47 6.44 -22.05
C8 SAM I . -20.11 5.30 -21.46
N7 SAM I . -20.75 4.21 -21.89
C5 SAM I . -21.54 4.73 -22.94
C6 SAM I . -22.46 4.13 -23.84
N6 SAM I . -22.64 2.82 -23.78
N1 SAM I . -23.05 4.97 -24.68
C2 SAM I . -22.89 6.28 -24.69
N3 SAM I . -22.01 6.92 -23.91
C4 SAM I . -21.36 6.14 -23.02
ZN ZN J . 6.89 15.42 -5.21
ZN ZN K . 8.85 13.07 -7.53
ZN ZN L . 9.33 16.82 -7.75
ZN ZN M . 27.97 -0.53 24.21
N SAM N . 18.18 -8.69 20.70
CA SAM N . 16.71 -8.47 20.64
C SAM N . 16.01 -9.80 20.46
O SAM N . 14.76 -9.74 20.27
OXT SAM N . 16.64 -10.90 20.49
CB SAM N . 16.37 -7.55 19.44
CG SAM N . 16.50 -6.08 19.65
SD SAM N . 15.29 -5.42 20.67
CE SAM N . 14.70 -4.06 19.90
C5' SAM N . 16.00 -4.65 21.98
C4' SAM N . 16.49 -5.61 23.09
O4' SAM N . 17.62 -6.39 22.67
C3' SAM N . 17.00 -4.91 24.35
O3' SAM N . 16.01 -4.64 25.33
C2' SAM N . 17.96 -5.94 24.91
O2' SAM N . 17.18 -7.02 25.49
C1' SAM N . 18.64 -6.50 23.69
N9 SAM N . 19.80 -5.62 23.33
C8 SAM N . 19.88 -4.89 22.20
N7 SAM N . 21.07 -4.25 22.15
C5 SAM N . 21.77 -4.61 23.29
C6 SAM N . 23.08 -4.24 23.76
N6 SAM N . 23.80 -3.37 23.02
N1 SAM N . 23.41 -4.80 24.94
C2 SAM N . 22.59 -5.65 25.57
N3 SAM N . 21.39 -6.07 25.18
C4 SAM N . 20.95 -5.53 24.02
#